data_3PXU
#
_entry.id   3PXU
#
_cell.length_a   134.161
_cell.length_b   134.161
_cell.length_c   134.161
_cell.angle_alpha   90.000
_cell.angle_beta   90.000
_cell.angle_gamma   90.000
#
_symmetry.space_group_name_H-M   'I 4 3 2'
#
loop_
_entity.id
_entity.type
_entity.pdbx_description
1 polymer 'Phosphopantetheine adenylyltransferase'
2 non-polymer 'DEPHOSPHO COENZYME A'
3 non-polymer GLYCEROL
4 non-polymer 'SULFATE ION'
5 water water
#
_entity_poly.entity_id   1
_entity_poly.type   'polypeptide(L)'
_entity_poly.pdbx_seq_one_letter_code
;GPGSMVVAVYPGTFDPLTRGHEDLVRRASSIFDTLVVGVADSRAKKPFFSLEERLKIANEVLGHYPNVKVMGFTGLLKDF
VRANDARVIVRGLRAVSDFEYEFQMAGMNRYLLPDVETMFMTPSDQYQFISGTIVREIAQLGGDVSKFVFPSVEKWLTEK
VAAMAQGPSA
;
_entity_poly.pdbx_strand_id   A
#
loop_
_chem_comp.id
_chem_comp.type
_chem_comp.name
_chem_comp.formula
COD non-polymer 'DEPHOSPHO COENZYME A' 'C21 H35 N7 O13 P2 S'
GOL non-polymer GLYCEROL 'C3 H8 O3'
SO4 non-polymer 'SULFATE ION' 'O4 S -2'
#
# COMPACT_ATOMS: atom_id res chain seq x y z
N SER A 4 -6.59 22.79 -11.17
CA SER A 4 -6.99 22.38 -9.78
C SER A 4 -5.94 21.51 -9.07
N MET A 5 -6.08 21.38 -7.75
CA MET A 5 -5.21 20.56 -6.92
C MET A 5 -5.98 19.34 -6.44
N VAL A 6 -5.50 18.14 -6.77
CA VAL A 6 -6.20 16.90 -6.37
C VAL A 6 -5.27 15.98 -5.60
N VAL A 7 -5.65 15.64 -4.38
CA VAL A 7 -4.86 14.72 -3.56
C VAL A 7 -5.58 13.38 -3.61
N ALA A 8 -4.80 12.34 -3.81
CA ALA A 8 -5.30 11.00 -3.84
C ALA A 8 -4.62 10.21 -2.73
N VAL A 9 -5.37 9.32 -2.09
CA VAL A 9 -4.84 8.45 -1.07
C VAL A 9 -4.78 7.06 -1.67
N TYR A 10 -3.66 6.38 -1.42
CA TYR A 10 -3.52 4.97 -1.78
C TYR A 10 -3.30 4.19 -0.49
N PRO A 11 -4.38 3.62 0.07
CA PRO A 11 -4.22 2.94 1.35
C PRO A 11 -3.97 1.45 1.19
N GLY A 12 -3.40 0.80 2.20
CA GLY A 12 -3.10 -0.62 2.13
C GLY A 12 -2.37 -1.07 3.38
N THR A 13 -2.26 -2.37 3.56
CA THR A 13 -1.52 -2.92 4.68
C THR A 13 -0.01 -2.83 4.39
N PHE A 14 0.38 -3.04 3.12
CA PHE A 14 1.78 -2.99 2.67
C PHE A 14 2.77 -3.79 3.56
N ASP A 15 2.58 -5.10 3.60
CA ASP A 15 3.31 -5.96 4.53
C ASP A 15 4.10 -7.02 3.75
N PRO A 16 5.14 -6.62 3.02
CA PRO A 16 5.74 -5.31 2.83
C PRO A 16 5.30 -4.73 1.49
N LEU A 17 5.68 -3.48 1.24
CA LEU A 17 5.54 -2.87 -0.07
C LEU A 17 6.22 -3.74 -1.15
N THR A 18 5.46 -4.15 -2.17
CA THR A 18 5.97 -4.98 -3.26
C THR A 18 6.29 -4.09 -4.47
N ARG A 19 6.91 -4.69 -5.50
CA ARG A 19 7.11 -3.99 -6.78
C ARG A 19 5.77 -3.63 -7.45
N GLY A 20 4.74 -4.42 -7.22
CA GLY A 20 3.39 -4.11 -7.67
C GLY A 20 2.81 -2.87 -7.03
N HIS A 21 2.88 -2.77 -5.69
CA HIS A 21 2.50 -1.50 -5.03
C HIS A 21 3.35 -0.37 -5.58
N GLU A 22 4.66 -0.59 -5.69
CA GLU A 22 5.50 0.53 -6.10
C GLU A 22 5.11 1.05 -7.49
N ASP A 23 4.75 0.11 -8.37
CA ASP A 23 4.41 0.49 -9.75
C ASP A 23 3.14 1.32 -9.74
N LEU A 24 2.20 0.96 -8.88
CA LEU A 24 0.96 1.75 -8.76
C LEU A 24 1.24 3.13 -8.25
N VAL A 25 2.17 3.22 -7.30
CA VAL A 25 2.53 4.51 -6.78
C VAL A 25 3.11 5.40 -7.89
N ARG A 26 4.08 4.89 -8.65
CA ARG A 26 4.63 5.60 -9.79
C ARG A 26 3.52 6.08 -10.71
N ARG A 27 2.66 5.17 -11.15
CA ARG A 27 1.57 5.52 -12.06
C ARG A 27 0.58 6.58 -11.50
N ALA A 28 0.10 6.35 -10.28
CA ALA A 28 -0.89 7.26 -9.67
C ALA A 28 -0.32 8.67 -9.43
N SER A 29 0.95 8.72 -9.01
CA SER A 29 1.61 9.96 -8.69
C SER A 29 2.01 10.79 -9.91
N SER A 30 2.02 10.20 -11.09
CA SER A 30 2.14 11.03 -12.28
C SER A 30 0.79 11.66 -12.68
N ILE A 31 -0.32 11.19 -12.11
CA ILE A 31 -1.60 11.78 -12.48
C ILE A 31 -2.06 12.82 -11.46
N PHE A 32 -2.00 12.46 -10.18
CA PHE A 32 -2.49 13.32 -9.13
C PHE A 32 -1.37 14.23 -8.59
N ASP A 33 -1.76 15.38 -8.07
CA ASP A 33 -0.81 16.40 -7.60
C ASP A 33 -0.02 15.88 -6.41
N THR A 34 -0.75 15.24 -5.49
CA THR A 34 -0.14 14.64 -4.33
C THR A 34 -0.72 13.25 -4.22
N LEU A 35 0.15 12.28 -3.98
CA LEU A 35 -0.28 10.93 -3.71
C LEU A 35 0.20 10.58 -2.31
N VAL A 36 -0.77 10.30 -1.42
CA VAL A 36 -0.48 9.93 -0.04
C VAL A 36 -0.61 8.43 0.07
N VAL A 37 0.49 7.75 0.31
CA VAL A 37 0.46 6.33 0.60
C VAL A 37 0.06 6.15 2.08
N GLY A 38 -1.11 5.55 2.33
CA GLY A 38 -1.58 5.40 3.69
C GLY A 38 -1.33 3.98 4.14
N VAL A 39 -0.40 3.79 5.08
CA VAL A 39 -0.16 2.49 5.67
C VAL A 39 -1.11 2.23 6.85
N ALA A 40 -2.06 1.34 6.65
CA ALA A 40 -3.03 0.96 7.67
C ALA A 40 -2.42 0.08 8.72
N ASP A 41 -2.69 0.42 9.97
CA ASP A 41 -2.21 -0.40 11.07
C ASP A 41 -2.52 -1.90 10.88
N SER A 42 -3.76 -2.19 10.50
CA SER A 42 -4.22 -3.56 10.18
C SER A 42 -3.99 -4.62 11.27
N ARG A 43 -4.17 -4.21 12.53
CA ARG A 43 -3.98 -5.05 13.69
C ARG A 43 -4.61 -6.45 13.53
N ALA A 44 -5.85 -6.49 13.05
CA ALA A 44 -6.61 -7.74 12.91
C ALA A 44 -5.94 -8.73 11.97
N LYS A 45 -5.23 -8.24 10.95
CA LYS A 45 -4.54 -9.11 10.00
C LYS A 45 -3.26 -9.72 10.56
N LYS A 46 -2.87 -9.32 11.76
CA LYS A 46 -1.60 -9.70 12.37
C LYS A 46 -0.41 -9.56 11.39
N PRO A 47 -0.09 -8.32 10.99
CA PRO A 47 0.95 -8.15 9.92
C PRO A 47 2.33 -8.63 10.35
N PHE A 48 3.09 -9.15 9.40
CA PHE A 48 4.42 -9.68 9.68
C PHE A 48 5.33 -8.58 10.21
N PHE A 49 5.28 -7.40 9.59
CA PHE A 49 6.07 -6.27 10.04
C PHE A 49 5.18 -5.35 10.90
N SER A 50 5.77 -4.62 11.83
CA SER A 50 5.03 -3.65 12.63
C SER A 50 4.69 -2.45 11.72
N LEU A 51 3.78 -1.59 12.17
CA LEU A 51 3.45 -0.38 11.41
C LEU A 51 4.68 0.46 11.15
N GLU A 52 5.50 0.64 12.19
CA GLU A 52 6.68 1.47 12.06
C GLU A 52 7.66 0.87 11.04
N GLU A 53 7.81 -0.44 11.08
CA GLU A 53 8.68 -1.12 10.08
C GLU A 53 8.12 -0.94 8.67
N ARG A 54 6.80 -1.07 8.53
CA ARG A 54 6.16 -0.95 7.21
C ARG A 54 6.31 0.49 6.61
N LEU A 55 6.27 1.50 7.46
CA LEU A 55 6.55 2.88 7.07
C LEU A 55 7.98 3.09 6.62
N LYS A 56 8.95 2.62 7.43
CA LYS A 56 10.36 2.70 7.03
C LYS A 56 10.59 1.96 5.70
N ILE A 57 10.09 0.74 5.59
CA ILE A 57 10.18 -0.03 4.33
C ILE A 57 9.70 0.79 3.14
N ALA A 58 8.49 1.36 3.28
CA ALA A 58 7.87 2.07 2.17
C ALA A 58 8.62 3.38 1.87
N ASN A 59 9.03 4.08 2.92
CA ASN A 59 9.81 5.31 2.74
C ASN A 59 11.15 5.12 2.04
N GLU A 60 11.83 4.04 2.39
CA GLU A 60 13.09 3.73 1.71
C GLU A 60 12.87 3.60 0.20
N VAL A 61 11.79 2.95 -0.19
CA VAL A 61 11.52 2.71 -1.62
C VAL A 61 10.96 3.96 -2.32
N LEU A 62 10.12 4.70 -1.60
CA LEU A 62 9.32 5.74 -2.26
C LEU A 62 9.78 7.20 -2.05
N GLY A 63 10.74 7.39 -1.15
CA GLY A 63 11.16 8.73 -0.75
C GLY A 63 11.63 9.60 -1.90
N HIS A 64 12.17 8.97 -2.95
CA HIS A 64 12.64 9.71 -4.10
C HIS A 64 11.52 10.33 -4.96
N TYR A 65 10.25 9.91 -4.78
CA TYR A 65 9.15 10.53 -5.56
C TYR A 65 8.77 11.82 -4.85
N PRO A 66 8.89 12.97 -5.55
CA PRO A 66 8.71 14.26 -4.88
C PRO A 66 7.30 14.56 -4.40
N ASN A 67 6.27 14.03 -5.05
CA ASN A 67 4.88 14.32 -4.65
C ASN A 67 4.20 13.14 -3.94
N VAL A 68 5.00 12.23 -3.40
CA VAL A 68 4.49 11.09 -2.65
C VAL A 68 4.75 11.26 -1.14
N LYS A 69 3.69 11.15 -0.33
CA LYS A 69 3.88 11.15 1.14
C LYS A 69 3.53 9.76 1.64
N VAL A 70 4.33 9.25 2.57
CA VAL A 70 4.04 7.97 3.21
C VAL A 70 3.63 8.22 4.65
N MET A 71 2.44 7.80 5.03
CA MET A 71 1.94 8.06 6.38
C MET A 71 1.20 6.86 6.89
N GLY A 72 1.23 6.64 8.20
CA GLY A 72 0.50 5.53 8.81
C GLY A 72 -0.89 6.00 9.27
N PHE A 73 -1.82 5.07 9.47
CA PHE A 73 -3.04 5.45 10.17
C PHE A 73 -3.56 4.27 10.98
N THR A 74 -4.10 4.56 12.16
CA THR A 74 -4.54 3.52 13.07
C THR A 74 -6.05 3.52 13.18
N GLY A 75 -6.71 4.45 12.52
CA GLY A 75 -8.14 4.61 12.72
C GLY A 75 -8.89 4.30 11.44
N LEU A 76 -10.02 4.99 11.26
CA LEU A 76 -10.86 4.81 10.08
C LEU A 76 -10.24 5.46 8.88
N LEU A 77 -10.37 4.79 7.74
CA LEU A 77 -9.97 5.36 6.46
C LEU A 77 -10.66 6.72 6.23
N LYS A 78 -11.96 6.80 6.52
CA LYS A 78 -12.69 8.07 6.44
CA LYS A 78 -12.69 8.07 6.42
C LYS A 78 -11.88 9.20 7.05
N ASP A 79 -11.40 9.01 8.29
N ASP A 79 -11.41 9.00 8.28
CA ASP A 79 -10.64 10.07 8.96
CA ASP A 79 -10.62 10.02 8.95
C ASP A 79 -9.29 10.38 8.34
C ASP A 79 -9.38 10.39 8.21
N PHE A 80 -8.62 9.38 7.79
CA PHE A 80 -7.36 9.60 7.10
C PHE A 80 -7.55 10.36 5.76
N VAL A 81 -8.57 9.94 5.00
CA VAL A 81 -8.93 10.61 3.73
C VAL A 81 -9.28 12.11 3.94
N ARG A 82 -10.20 12.41 4.87
CA ARG A 82 -10.55 13.82 5.20
C ARG A 82 -9.34 14.64 5.64
N ALA A 83 -8.50 14.04 6.49
CA ALA A 83 -7.31 14.71 7.01
C ALA A 83 -6.44 15.18 5.88
N ASN A 84 -6.42 14.42 4.78
CA ASN A 84 -5.52 14.70 3.70
C ASN A 84 -6.18 15.48 2.57
N ASP A 85 -7.40 15.96 2.82
CA ASP A 85 -8.17 16.76 1.84
C ASP A 85 -8.24 16.02 0.51
N ALA A 86 -8.48 14.71 0.58
CA ALA A 86 -8.37 13.86 -0.60
C ALA A 86 -9.75 13.60 -1.20
N ARG A 87 -9.83 13.62 -2.53
CA ARG A 87 -11.12 13.35 -3.17
CA ARG A 87 -11.11 13.39 -3.22
C ARG A 87 -11.10 12.05 -3.95
N VAL A 88 -9.95 11.40 -3.96
CA VAL A 88 -9.75 10.12 -4.61
C VAL A 88 -9.08 9.09 -3.66
N ILE A 89 -9.62 7.89 -3.68
CA ILE A 89 -8.93 6.74 -3.10
C ILE A 89 -8.48 5.90 -4.30
N VAL A 90 -7.17 5.66 -4.42
CA VAL A 90 -6.62 4.74 -5.42
C VAL A 90 -6.52 3.33 -4.84
N ARG A 91 -6.94 2.33 -5.61
CA ARG A 91 -6.77 0.93 -5.25
C ARG A 91 -6.30 0.17 -6.48
N GLY A 92 -5.51 -0.87 -6.27
CA GLY A 92 -5.05 -1.69 -7.37
C GLY A 92 -6.06 -2.77 -7.66
N LEU A 93 -6.28 -3.04 -8.94
CA LEU A 93 -6.98 -4.27 -9.33
C LEU A 93 -6.06 -5.11 -10.18
N ARG A 94 -5.96 -6.39 -9.83
CA ARG A 94 -5.32 -7.43 -10.67
C ARG A 94 -6.44 -8.34 -11.19
N ALA A 95 -6.22 -9.04 -12.31
CA ALA A 95 -7.31 -9.86 -12.89
C ALA A 95 -7.58 -11.17 -12.13
N PHE A 99 -11.95 -9.39 -6.28
CA PHE A 99 -12.70 -8.18 -6.61
C PHE A 99 -13.84 -8.02 -5.64
N GLU A 100 -14.17 -9.12 -4.97
CA GLU A 100 -15.16 -9.16 -3.91
C GLU A 100 -14.90 -8.05 -2.88
N TYR A 101 -13.76 -8.15 -2.21
CA TYR A 101 -13.41 -7.17 -1.21
C TYR A 101 -13.47 -5.71 -1.78
N GLU A 102 -12.84 -5.49 -2.94
CA GLU A 102 -12.67 -4.13 -3.49
C GLU A 102 -13.99 -3.42 -3.81
N PHE A 103 -14.95 -4.15 -4.34
CA PHE A 103 -16.24 -3.54 -4.66
C PHE A 103 -17.06 -3.28 -3.38
N GLN A 104 -16.93 -4.16 -2.39
CA GLN A 104 -17.62 -3.97 -1.10
C GLN A 104 -17.06 -2.71 -0.44
N MET A 105 -15.74 -2.66 -0.37
CA MET A 105 -15.03 -1.53 0.22
C MET A 105 -15.43 -0.21 -0.47
N ALA A 106 -15.38 -0.20 -1.81
CA ALA A 106 -15.77 0.98 -2.60
C ALA A 106 -17.23 1.33 -2.39
N GLY A 107 -18.09 0.31 -2.40
CA GLY A 107 -19.53 0.54 -2.26
C GLY A 107 -19.85 1.10 -0.88
N MET A 108 -19.20 0.55 0.15
CA MET A 108 -19.40 1.07 1.51
C MET A 108 -18.84 2.50 1.66
N ASN A 109 -17.71 2.75 1.00
CA ASN A 109 -17.13 4.10 1.00
C ASN A 109 -17.98 5.10 0.26
N ARG A 110 -18.83 4.65 -0.67
CA ARG A 110 -19.78 5.59 -1.30
C ARG A 110 -20.76 6.15 -0.26
N TYR A 111 -21.10 5.36 0.76
CA TYR A 111 -21.98 5.89 1.83
C TYR A 111 -21.18 6.66 2.87
N LEU A 112 -19.98 6.20 3.21
CA LEU A 112 -19.15 6.86 4.22
C LEU A 112 -18.46 8.13 3.72
N LEU A 113 -18.08 8.15 2.44
CA LEU A 113 -17.36 9.29 1.86
C LEU A 113 -18.02 9.66 0.54
N PRO A 114 -19.17 10.36 0.60
CA PRO A 114 -20.00 10.41 -0.62
C PRO A 114 -19.39 11.23 -1.77
N ASP A 115 -18.61 12.26 -1.48
CA ASP A 115 -17.92 13.00 -2.54
C ASP A 115 -16.51 12.49 -2.90
N VAL A 116 -16.10 11.35 -2.35
CA VAL A 116 -14.79 10.78 -2.67
C VAL A 116 -14.95 9.71 -3.72
N GLU A 117 -14.09 9.72 -4.74
CA GLU A 117 -14.15 8.70 -5.78
C GLU A 117 -13.08 7.64 -5.57
N THR A 118 -13.49 6.39 -5.53
CA THR A 118 -12.53 5.30 -5.60
C THR A 118 -12.19 5.08 -7.08
N MET A 119 -10.89 5.10 -7.38
CA MET A 119 -10.41 4.85 -8.72
C MET A 119 -9.45 3.68 -8.78
N PHE A 120 -9.83 2.70 -9.57
CA PHE A 120 -9.09 1.46 -9.61
C PHE A 120 -8.05 1.55 -10.74
N MET A 121 -6.83 1.18 -10.42
CA MET A 121 -5.74 1.17 -11.37
C MET A 121 -5.14 -0.22 -11.43
N THR A 122 -4.47 -0.50 -12.54
CA THR A 122 -3.93 -1.84 -12.74
C THR A 122 -2.41 -1.75 -12.98
N PRO A 123 -1.60 -2.57 -12.27
CA PRO A 123 -0.16 -2.50 -12.41
C PRO A 123 0.31 -3.05 -13.78
N SER A 124 1.56 -2.79 -14.15
CA SER A 124 2.17 -3.35 -15.36
C SER A 124 2.03 -4.88 -15.37
N ASP A 125 2.11 -5.48 -16.58
CA ASP A 125 1.93 -6.92 -16.80
C ASP A 125 2.74 -7.77 -15.81
N GLN A 126 4.00 -7.42 -15.64
CA GLN A 126 4.96 -8.24 -14.88
C GLN A 126 4.69 -8.29 -13.37
N TYR A 127 3.81 -7.40 -12.89
CA TYR A 127 3.47 -7.35 -11.48
C TYR A 127 2.06 -7.85 -11.19
N GLN A 128 1.33 -8.27 -12.23
CA GLN A 128 -0.10 -8.65 -12.11
C GLN A 128 -0.34 -9.84 -11.14
N PHE A 129 0.68 -10.68 -10.96
CA PHE A 129 0.51 -11.98 -10.28
C PHE A 129 1.20 -12.11 -8.91
N ILE A 130 1.82 -11.01 -8.46
CA ILE A 130 2.41 -10.94 -7.14
C ILE A 130 1.35 -11.00 -6.02
N SER A 131 1.46 -12.00 -5.15
CA SER A 131 0.66 -12.07 -3.94
C SER A 131 1.49 -11.83 -2.68
N GLY A 132 1.02 -10.94 -1.82
CA GLY A 132 1.75 -10.62 -0.55
C GLY A 132 1.90 -11.81 0.38
N THR A 133 0.83 -12.59 0.48
CA THR A 133 0.81 -13.81 1.27
C THR A 133 1.89 -14.78 0.76
N ILE A 134 1.96 -14.98 -0.56
CA ILE A 134 2.97 -15.87 -1.12
C ILE A 134 4.39 -15.29 -0.89
N VAL A 135 4.55 -13.97 -1.06
CA VAL A 135 5.83 -13.30 -0.77
C VAL A 135 6.33 -13.63 0.67
N ARG A 136 5.46 -13.45 1.66
CA ARG A 136 5.82 -13.65 3.06
C ARG A 136 6.15 -15.12 3.33
N GLU A 137 5.37 -16.00 2.74
CA GLU A 137 5.51 -17.42 2.94
C GLU A 137 6.86 -17.88 2.38
N ILE A 138 7.20 -17.41 1.16
CA ILE A 138 8.47 -17.77 0.53
C ILE A 138 9.63 -17.28 1.38
N ALA A 139 9.52 -16.02 1.82
CA ALA A 139 10.59 -15.40 2.61
C ALA A 139 10.75 -16.12 3.95
N GLN A 140 9.64 -16.53 4.57
CA GLN A 140 9.68 -17.27 5.86
C GLN A 140 10.24 -18.67 5.69
N LEU A 141 10.16 -19.23 4.49
CA LEU A 141 10.82 -20.51 4.22
C LEU A 141 12.25 -20.33 3.74
N GLY A 142 12.80 -19.11 3.72
CA GLY A 142 14.18 -18.91 3.28
C GLY A 142 14.41 -18.75 1.78
N GLY A 143 13.33 -18.46 1.05
CA GLY A 143 13.43 -18.28 -0.36
C GLY A 143 13.52 -16.79 -0.67
N ASP A 144 14.23 -16.51 -1.72
CA ASP A 144 14.37 -15.15 -2.15
C ASP A 144 13.15 -14.65 -2.97
N VAL A 145 12.76 -13.43 -2.64
CA VAL A 145 11.65 -12.79 -3.29
C VAL A 145 12.03 -11.51 -4.04
N SER A 146 13.28 -11.42 -4.50
CA SER A 146 13.80 -10.22 -5.17
C SER A 146 13.11 -9.99 -6.51
N LYS A 147 12.43 -11.01 -7.04
CA LYS A 147 11.62 -10.78 -8.23
C LYS A 147 10.35 -9.99 -7.90
N PHE A 148 9.97 -9.96 -6.64
CA PHE A 148 8.67 -9.43 -6.22
C PHE A 148 8.76 -8.16 -5.36
N VAL A 149 9.92 -7.92 -4.73
CA VAL A 149 10.12 -6.76 -3.86
C VAL A 149 11.53 -6.19 -4.16
N PHE A 150 11.74 -4.90 -3.88
CA PHE A 150 13.04 -4.28 -4.12
C PHE A 150 14.11 -4.82 -3.18
N PRO A 151 15.42 -4.70 -3.57
CA PRO A 151 16.47 -5.15 -2.65
C PRO A 151 16.36 -4.63 -1.21
N SER A 152 15.91 -3.40 -1.00
CA SER A 152 15.85 -2.84 0.35
C SER A 152 14.83 -3.63 1.18
N VAL A 153 13.76 -4.06 0.51
CA VAL A 153 12.69 -4.82 1.17
C VAL A 153 13.11 -6.25 1.50
N GLU A 154 13.86 -6.88 0.59
CA GLU A 154 14.45 -8.20 0.81
C GLU A 154 15.32 -8.23 2.06
N LYS A 155 16.06 -7.13 2.28
CA LYS A 155 16.91 -7.00 3.47
C LYS A 155 16.07 -7.04 4.73
N TRP A 156 15.02 -6.22 4.76
CA TRP A 156 14.08 -6.25 5.87
C TRP A 156 13.50 -7.64 6.09
N LEU A 157 13.07 -8.29 5.01
CA LEU A 157 12.52 -9.64 5.16
C LEU A 157 13.53 -10.64 5.77
N THR A 158 14.75 -10.64 5.23
CA THR A 158 15.81 -11.53 5.72
C THR A 158 16.08 -11.31 7.21
N GLU A 159 16.16 -10.04 7.61
CA GLU A 159 16.46 -9.68 9.01
C GLU A 159 15.34 -10.16 9.93
N LYS A 160 14.10 -9.86 9.55
CA LYS A 160 12.97 -10.30 10.39
C LYS A 160 12.82 -11.82 10.45
N VAL A 161 13.03 -12.53 9.34
CA VAL A 161 12.93 -13.99 9.37
C VAL A 161 14.03 -14.54 10.27
N ALA A 162 15.25 -14.03 10.13
CA ALA A 162 16.37 -14.47 10.98
C ALA A 162 16.10 -14.19 12.45
N ALA A 163 15.54 -13.02 12.74
CA ALA A 163 15.24 -12.65 14.14
C ALA A 163 14.05 -13.43 14.71
N MET A 164 13.12 -13.89 13.85
CA MET A 164 12.00 -14.73 14.28
CA MET A 164 12.01 -14.72 14.29
C MET A 164 12.51 -16.11 14.74
N ALA A 165 13.33 -16.75 13.91
CA ALA A 165 13.83 -18.11 14.16
C ALA A 165 14.89 -18.15 15.25
N1 COD B . -0.16 -4.97 -8.14
C2 COD B . -0.96 -3.91 -7.95
N3 COD B . -1.76 -3.75 -6.87
C4 COD B . -1.77 -4.68 -5.91
C5 COD B . -0.92 -5.87 -6.04
C6 COD B . -0.08 -5.98 -7.26
N7 COD B . 0.73 -7.03 -7.51
N8 COD B . -1.18 -6.60 -4.94
C9 COD B . -2.09 -5.94 -4.17
N10 COD B . -2.45 -4.78 -4.78
C11 COD B . -3.41 -3.75 -4.31
C12 COD B . -4.39 -4.25 -3.27
O13 COD B . -5.52 -4.80 -3.94
C14 COD B . -4.80 -2.98 -2.59
O15 COD B . -5.67 -2.27 -3.48
C16 COD B . -3.52 -2.18 -2.56
O17 COD B . -2.77 -2.61 -3.72
C18 COD B . -2.80 -2.45 -1.23
O19 COD B . -2.61 -3.86 -0.98
P20 COD B . -2.59 -4.47 0.53
O21 COD B . -3.04 -5.89 0.46
O22 COD B . -1.21 -4.17 1.03
O23 COD B . -3.70 -3.57 1.30
P24 COD B . -5.16 -4.00 1.89
O25 COD B . -5.94 -4.87 0.92
O26 COD B . -4.94 -4.52 3.30
O27 COD B . -5.96 -2.61 2.04
C28 COD B . -7.19 -2.54 2.77
C29 COD B . -7.16 -1.37 3.76
C30 COD B . -5.87 -1.49 4.54
C31 COD B . -7.21 -0.03 3.06
C32 COD B . -8.37 -1.46 4.68
O33 COD B . -8.18 -2.52 5.64
C34 COD B . -8.60 -0.16 5.41
O35 COD B . -8.65 0.87 4.79
N36 COD B . -8.77 -0.25 6.75
C37 COD B . -8.62 0.87 7.66
C38 COD B . -9.78 1.04 8.65
C39 COD B . -11.12 1.18 7.95
O40 COD B . -11.65 2.26 7.81
N41 COD B . -11.71 0.08 7.49
C42 COD B . -12.84 0.20 6.57
C43 COD B . -12.48 0.03 5.10
S44 COD B . -13.93 0.35 4.04
C1 GOL C . 12.31 2.78 -6.88
O1 GOL C . 11.05 3.39 -6.69
C2 GOL C . 12.93 2.49 -5.50
O2 GOL C . 13.85 3.50 -5.14
C3 GOL C . 13.67 1.16 -5.47
O3 GOL C . 14.89 1.29 -6.17
C1 GOL D . 0.73 -3.95 13.30
O1 GOL D . 2.04 -4.18 12.81
C2 GOL D . 0.72 -4.03 14.81
O2 GOL D . -0.63 -4.15 15.26
C3 GOL D . 1.33 -2.77 15.42
O3 GOL D . 2.12 -2.04 14.52
S SO4 E . 16.12 -3.62 -8.86
O1 SO4 E . 16.73 -3.81 -10.18
O2 SO4 E . 14.85 -2.91 -9.03
O3 SO4 E . 15.94 -4.95 -8.29
O4 SO4 E . 16.97 -2.83 -7.97
S SO4 F . -2.60 -10.61 -1.65
O1 SO4 F . -2.79 -11.91 -2.31
O2 SO4 F . -3.89 -9.96 -1.54
O3 SO4 F . -2.05 -10.86 -0.31
O4 SO4 F . -1.69 -9.75 -2.40
#